data_4JT4
#
_entry.id   4JT4
#
_cell.length_a   45.306
_cell.length_b   66.781
_cell.length_c   119.546
_cell.angle_alpha   90.00
_cell.angle_beta   90.00
_cell.angle_gamma   90.00
#
_symmetry.space_group_name_H-M   'P 21 21 21'
#
loop_
_entity.id
_entity.type
_entity.pdbx_description
1 polymer Metallophosphoesterase
2 non-polymer 'MAGNESIUM ION'
3 non-polymer "2'-DEOXYADENOSINE 5'-TRIPHOSPHATE"
4 non-polymer 'SODIUM ION'
5 water water
#
_entity_poly.entity_id   1
_entity_poly.type   'polypeptide(L)'
_entity_poly.pdbx_seq_one_letter_code
;S(MSE)KLTIPELSLVVLIGSSGSGKSTFAKKHFKPTEVISSDFCRGL(MSE)SDDENDQTVTGAAFDVLHYIVSKRLQL
GKLTVVDATNVQESARKPLIEIAKDYHCFPVAVVFNLPEKVCQERNKNRTDRQVEEYVIRKHTQQ(MSE)KKSIKGLQRE
GFRYVYILNSPEEVEEVVFERQP
;
_entity_poly.pdbx_strand_id   A,B
#
loop_
_chem_comp.id
_chem_comp.type
_chem_comp.name
_chem_comp.formula
DTP non-polymer '2'-DEOXYADENOSINE 5'-TRIPHOSPHATE' 'C10 H16 N5 O12 P3'
MG non-polymer 'MAGNESIUM ION' 'Mg 2'
NA non-polymer 'SODIUM ION' 'Na 1'
#
# COMPACT_ATOMS: atom_id res chain seq x y z
N SER A 1 14.78 8.63 1.90
CA SER A 1 13.45 9.01 2.35
C SER A 1 12.39 8.04 1.86
N MSE A 2 11.31 7.90 2.63
CA MSE A 2 10.16 7.12 2.20
C MSE A 2 9.21 8.09 1.54
O MSE A 2 8.56 8.89 2.21
CB MSE A 2 9.47 6.49 3.42
CG MSE A 2 8.61 5.26 3.11
SE MSE A 2 9.41 3.65 3.86
CE MSE A 2 11.06 4.44 4.51
N LYS A 3 9.11 8.05 0.22
CA LYS A 3 8.26 8.99 -0.49
C LYS A 3 6.86 8.44 -0.63
N LEU A 4 5.91 9.17 -0.06
CA LEU A 4 4.51 8.81 -0.04
C LEU A 4 3.79 9.77 -0.97
N THR A 5 3.19 9.24 -2.03
CA THR A 5 2.56 10.07 -3.03
C THR A 5 1.09 10.29 -2.70
N ILE A 6 0.63 11.53 -2.73
CA ILE A 6 -0.79 11.82 -2.53
C ILE A 6 -1.29 12.80 -3.58
N PRO A 7 -2.54 12.65 -4.04
CA PRO A 7 -2.97 13.64 -5.02
C PRO A 7 -3.28 14.98 -4.34
N GLU A 8 -3.14 16.07 -5.09
CA GLU A 8 -3.27 17.40 -4.50
C GLU A 8 -4.63 17.56 -3.81
N LEU A 9 -5.65 16.90 -4.35
CA LEU A 9 -6.91 16.85 -3.63
C LEU A 9 -7.10 15.46 -3.04
N SER A 10 -6.78 15.32 -1.75
CA SER A 10 -6.85 14.03 -1.05
C SER A 10 -7.52 14.20 0.31
N LEU A 11 -8.10 13.12 0.82
CA LEU A 11 -8.41 13.02 2.24
C LEU A 11 -7.40 12.11 2.89
N VAL A 12 -6.49 12.68 3.67
CA VAL A 12 -5.43 11.89 4.29
C VAL A 12 -5.88 11.45 5.67
N VAL A 13 -6.01 10.14 5.86
CA VAL A 13 -6.54 9.63 7.13
C VAL A 13 -5.43 9.03 7.94
N LEU A 14 -5.11 9.65 9.07
CA LEU A 14 -4.04 9.14 9.94
C LEU A 14 -4.59 8.02 10.79
N ILE A 15 -3.86 6.92 10.89
CA ILE A 15 -4.36 5.75 11.60
C ILE A 15 -3.33 5.32 12.63
N GLY A 16 -3.68 5.47 13.90
CA GLY A 16 -2.75 5.07 14.94
C GLY A 16 -3.21 5.26 16.35
N SER A 17 -2.65 4.43 17.21
CA SER A 17 -2.91 4.50 18.63
C SER A 17 -2.66 5.89 19.18
N SER A 18 -3.36 6.20 20.27
CA SER A 18 -2.96 7.31 21.11
C SER A 18 -1.48 7.12 21.38
N GLY A 19 -0.71 8.18 21.26
CA GLY A 19 0.71 8.13 21.49
C GLY A 19 1.56 7.70 20.30
N SER A 20 0.93 7.43 19.16
CA SER A 20 1.72 6.91 18.03
C SER A 20 2.38 8.04 17.25
N GLY A 21 2.01 9.28 17.57
CA GLY A 21 2.67 10.44 17.02
C GLY A 21 1.94 11.08 15.87
N LYS A 22 0.63 10.85 15.75
CA LYS A 22 -0.13 11.39 14.62
C LYS A 22 -0.10 12.89 14.51
N SER A 23 -0.44 13.56 15.61
CA SER A 23 -0.50 15.02 15.59
C SER A 23 0.89 15.64 15.40
N THR A 24 1.90 15.01 16.02
CA THR A 24 3.30 15.39 15.75
C THR A 24 3.59 15.30 14.24
N PHE A 25 3.23 14.17 13.63
CA PHE A 25 3.45 13.95 12.19
C PHE A 25 2.68 15.00 11.38
N ALA A 26 1.42 15.23 11.73
CA ALA A 26 0.56 16.16 11.01
C ALA A 26 1.16 17.56 10.98
N LYS A 27 1.67 17.99 12.13
CA LYS A 27 2.25 19.33 12.24
C LYS A 27 3.55 19.44 11.45
N LYS A 28 4.36 18.37 11.46
CA LYS A 28 5.58 18.32 10.68
C LYS A 28 5.32 18.38 9.17
N HIS A 29 4.28 17.70 8.70
CA HIS A 29 4.12 17.51 7.26
C HIS A 29 3.09 18.38 6.59
N PHE A 30 2.09 18.88 7.34
CA PHE A 30 0.99 19.64 6.73
C PHE A 30 0.78 21.04 7.31
N LYS A 31 0.08 21.89 6.56
CA LYS A 31 -0.30 23.23 7.06
C LYS A 31 -1.37 23.07 8.16
N PRO A 32 -1.36 23.98 9.15
CA PRO A 32 -2.28 23.89 10.29
C PRO A 32 -3.75 23.76 9.88
N THR A 33 -4.17 24.48 8.86
CA THR A 33 -5.59 24.48 8.50
C THR A 33 -6.00 23.27 7.64
N GLU A 34 -5.00 22.52 7.16
CA GLU A 34 -5.29 21.31 6.41
C GLU A 34 -5.62 20.16 7.36
N VAL A 35 -5.23 20.33 8.62
CA VAL A 35 -5.35 19.27 9.62
C VAL A 35 -6.58 19.51 10.50
N ILE A 36 -7.47 18.52 10.57
CA ILE A 36 -8.66 18.62 11.44
C ILE A 36 -8.60 17.49 12.44
N SER A 37 -8.47 17.83 13.72
CA SER A 37 -8.31 16.78 14.73
C SER A 37 -9.57 16.60 15.58
N SER A 38 -9.74 15.39 16.10
CA SER A 38 -10.92 15.13 16.92
C SER A 38 -10.81 15.96 18.19
N ASP A 39 -9.58 16.18 18.66
CA ASP A 39 -9.40 16.97 19.88
CA ASP A 39 -9.36 16.97 19.88
C ASP A 39 -9.85 18.41 19.68
N PHE A 40 -9.51 18.98 18.54
CA PHE A 40 -9.93 20.33 18.23
C PHE A 40 -11.45 20.42 18.17
N CYS A 41 -12.12 19.40 17.63
CA CYS A 41 -13.57 19.48 17.50
C CYS A 41 -14.24 19.35 18.87
N ARG A 42 -13.65 18.52 19.73
CA ARG A 42 -14.11 18.39 21.11
C ARG A 42 -14.04 19.75 21.81
N GLY A 43 -12.95 20.48 21.59
CA GLY A 43 -12.74 21.77 22.24
C GLY A 43 -13.75 22.80 21.77
N LEU A 44 -14.36 22.59 20.60
CA LEU A 44 -15.45 23.47 20.14
C LEU A 44 -16.71 23.24 20.97
N MSE A 45 -16.86 22.04 21.51
CA MSE A 45 -18.09 21.68 22.21
C MSE A 45 -17.93 21.90 23.69
O MSE A 45 -18.92 21.96 24.43
CB MSE A 45 -18.46 20.21 21.96
CG MSE A 45 -18.64 19.84 20.52
SE MSE A 45 -20.22 20.69 19.85
CE MSE A 45 -19.40 22.11 18.77
N SER A 46 -16.68 21.97 24.15
CA SER A 46 -16.44 22.02 25.59
C SER A 46 -15.13 22.70 25.92
N ASP A 47 -15.16 23.58 26.91
CA ASP A 47 -13.94 24.25 27.34
C ASP A 47 -13.08 23.34 28.21
N ASP A 48 -13.67 22.24 28.67
CA ASP A 48 -12.90 21.24 29.40
C ASP A 48 -11.99 20.50 28.43
N GLU A 49 -10.84 20.06 28.94
CA GLU A 49 -9.85 19.40 28.12
C GLU A 49 -10.20 17.94 27.90
N ASN A 50 -10.22 17.54 26.64
CA ASN A 50 -10.52 16.16 26.24
C ASN A 50 -11.82 15.64 26.86
N ASP A 51 -12.80 16.52 26.97
CA ASP A 51 -14.12 16.18 27.51
C ASP A 51 -14.71 14.96 26.81
N GLN A 52 -14.84 13.86 27.55
CA GLN A 52 -15.36 12.61 26.95
C GLN A 52 -16.87 12.59 26.81
N THR A 53 -17.53 13.59 27.38
CA THR A 53 -18.99 13.60 27.37
C THR A 53 -19.56 14.17 26.07
N VAL A 54 -18.68 14.70 25.22
CA VAL A 54 -19.13 15.32 23.97
C VAL A 54 -18.56 14.60 22.75
N THR A 55 -18.15 13.35 22.94
CA THR A 55 -17.46 12.61 21.90
C THR A 55 -18.25 12.48 20.59
N GLY A 56 -19.51 12.08 20.70
CA GLY A 56 -20.38 11.95 19.55
C GLY A 56 -20.50 13.27 18.79
N ALA A 57 -20.74 14.36 19.53
CA ALA A 57 -20.84 15.66 18.88
C ALA A 57 -19.53 16.07 18.22
N ALA A 58 -18.42 15.80 18.89
CA ALA A 58 -17.09 16.18 18.38
C ALA A 58 -16.84 15.50 17.03
N PHE A 59 -17.15 14.22 16.94
CA PHE A 59 -16.93 13.51 15.67
C PHE A 59 -17.91 13.92 14.55
N ASP A 60 -19.13 14.30 14.94
CA ASP A 60 -20.10 14.80 13.96
C ASP A 60 -19.58 16.09 13.34
N VAL A 61 -19.13 16.99 14.19
CA VAL A 61 -18.51 18.24 13.76
C VAL A 61 -17.26 18.00 12.87
N LEU A 62 -16.43 17.03 13.25
CA LEU A 62 -15.28 16.66 12.43
C LEU A 62 -15.71 16.25 11.03
N HIS A 63 -16.69 15.36 10.94
CA HIS A 63 -17.20 14.91 9.65
C HIS A 63 -17.72 16.07 8.82
N TYR A 64 -18.41 16.97 9.49
CA TYR A 64 -19.04 18.10 8.81
C TYR A 64 -17.98 19.06 8.26
N ILE A 65 -17.00 19.39 9.09
CA ILE A 65 -15.92 20.27 8.65
C ILE A 65 -15.13 19.62 7.52
N VAL A 66 -14.88 18.32 7.63
CA VAL A 66 -14.09 17.64 6.61
C VAL A 66 -14.82 17.71 5.27
N SER A 67 -16.13 17.43 5.32
CA SER A 67 -16.95 17.42 4.13
C SER A 67 -16.99 18.80 3.47
N LYS A 68 -17.07 19.86 4.28
CA LYS A 68 -17.09 21.20 3.72
C LYS A 68 -15.74 21.62 3.09
N ARG A 69 -14.63 21.23 3.71
CA ARG A 69 -13.33 21.46 3.06
C ARG A 69 -13.18 20.72 1.71
N LEU A 70 -13.60 19.46 1.67
CA LEU A 70 -13.49 18.71 0.40
C LEU A 70 -14.41 19.30 -0.67
N GLN A 71 -15.58 19.76 -0.25
CA GLN A 71 -16.51 20.47 -1.12
C GLN A 71 -15.81 21.63 -1.82
N LEU A 72 -14.91 22.30 -1.11
CA LEU A 72 -14.21 23.46 -1.64
C LEU A 72 -12.92 23.02 -2.32
N GLY A 73 -12.73 21.71 -2.41
CA GLY A 73 -11.58 21.16 -3.11
C GLY A 73 -10.29 21.26 -2.35
N LYS A 74 -10.37 21.19 -1.03
CA LYS A 74 -9.16 21.40 -0.25
C LYS A 74 -8.66 20.16 0.45
N LEU A 75 -7.40 19.83 0.21
CA LEU A 75 -6.77 18.67 0.82
C LEU A 75 -6.94 18.74 2.33
N THR A 76 -7.36 17.63 2.92
CA THR A 76 -7.63 17.62 4.35
C THR A 76 -6.99 16.39 4.97
N VAL A 77 -6.47 16.57 6.18
CA VAL A 77 -5.89 15.47 6.94
C VAL A 77 -6.74 15.24 8.16
N VAL A 78 -7.13 14.00 8.40
CA VAL A 78 -7.95 13.68 9.58
C VAL A 78 -7.06 13.11 10.68
N ASP A 79 -6.96 13.86 11.77
CA ASP A 79 -6.05 13.51 12.85
C ASP A 79 -6.85 13.00 14.01
N ALA A 80 -7.06 11.69 14.02
CA ALA A 80 -7.86 11.02 15.04
C ALA A 80 -7.30 9.62 15.05
N THR A 81 -7.76 8.79 15.97
CA THR A 81 -7.16 7.46 16.09
C THR A 81 -7.46 6.62 14.84
N ASN A 82 -8.71 6.68 14.37
CA ASN A 82 -9.10 5.98 13.15
C ASN A 82 -8.74 4.48 13.11
N VAL A 83 -8.68 3.85 14.29
CA VAL A 83 -8.36 2.43 14.41
C VAL A 83 -9.60 1.56 14.33
N GLN A 84 -10.77 2.19 14.42
CA GLN A 84 -12.00 1.43 14.22
C GLN A 84 -12.53 1.59 12.81
N GLU A 85 -12.99 0.49 12.23
CA GLU A 85 -13.62 0.55 10.91
C GLU A 85 -14.80 1.54 10.89
N SER A 86 -15.57 1.57 11.97
CA SER A 86 -16.72 2.48 12.07
C SER A 86 -16.30 3.96 12.02
N ALA A 87 -15.07 4.23 12.44
CA ALA A 87 -14.50 5.59 12.36
C ALA A 87 -14.02 5.96 10.95
N ARG A 88 -13.48 4.98 10.22
CA ARG A 88 -12.90 5.24 8.90
C ARG A 88 -13.96 5.29 7.80
N LYS A 89 -14.97 4.43 7.92
CA LYS A 89 -15.99 4.32 6.85
C LYS A 89 -16.64 5.65 6.48
N PRO A 90 -17.08 6.46 7.47
CA PRO A 90 -17.67 7.73 7.03
C PRO A 90 -16.68 8.62 6.29
N LEU A 91 -15.41 8.53 6.67
CA LEU A 91 -14.41 9.35 5.99
C LEU A 91 -14.27 8.89 4.52
N ILE A 92 -14.31 7.57 4.32
CA ILE A 92 -14.21 7.01 2.97
C ILE A 92 -15.41 7.47 2.14
N GLU A 93 -16.59 7.40 2.72
CA GLU A 93 -17.81 7.81 2.03
C GLU A 93 -17.82 9.30 1.71
N ILE A 94 -17.33 10.10 2.63
CA ILE A 94 -17.23 11.55 2.40
C ILE A 94 -16.31 11.80 1.20
N ALA A 95 -15.13 11.15 1.22
CA ALA A 95 -14.17 11.34 0.16
C ALA A 95 -14.76 10.97 -1.20
N LYS A 96 -15.42 9.82 -1.26
CA LYS A 96 -16.03 9.34 -2.49
CA LYS A 96 -15.95 9.39 -2.52
C LYS A 96 -17.08 10.33 -2.99
N ASP A 97 -17.87 10.84 -2.07
CA ASP A 97 -18.89 11.85 -2.43
C ASP A 97 -18.30 13.13 -3.02
N TYR A 98 -17.06 13.45 -2.66
CA TYR A 98 -16.44 14.66 -3.21
C TYR A 98 -15.37 14.35 -4.25
N HIS A 99 -15.41 13.13 -4.78
CA HIS A 99 -14.50 12.67 -5.82
C HIS A 99 -13.04 12.89 -5.44
N CYS A 100 -12.75 12.56 -4.19
CA CYS A 100 -11.41 12.72 -3.61
CA CYS A 100 -11.46 12.75 -3.56
C CYS A 100 -10.84 11.37 -3.26
N PHE A 101 -9.53 11.19 -3.48
CA PHE A 101 -8.90 9.94 -3.09
C PHE A 101 -8.75 9.89 -1.57
N PRO A 102 -9.34 8.88 -0.92
CA PRO A 102 -8.92 8.71 0.48
C PRO A 102 -7.59 7.94 0.56
N VAL A 103 -6.70 8.42 1.42
CA VAL A 103 -5.37 7.84 1.60
C VAL A 103 -5.19 7.41 3.04
N ALA A 104 -4.65 6.21 3.28
CA ALA A 104 -4.36 5.77 4.64
C ALA A 104 -2.88 5.84 4.93
N VAL A 105 -2.55 6.46 6.06
CA VAL A 105 -1.19 6.47 6.57
C VAL A 105 -1.23 5.83 7.94
N VAL A 106 -0.63 4.65 8.06
CA VAL A 106 -0.79 3.86 9.26
C VAL A 106 0.50 3.88 10.09
N PHE A 107 0.31 4.19 11.37
CA PHE A 107 1.39 4.21 12.35
C PHE A 107 1.47 2.84 13.01
N ASN A 108 2.10 1.92 12.30
CA ASN A 108 2.23 0.53 12.72
C ASN A 108 3.45 0.41 13.62
N LEU A 109 3.40 1.12 14.75
CA LEU A 109 4.48 1.08 15.73
C LEU A 109 4.19 0.05 16.82
N PRO A 110 5.25 -0.48 17.44
CA PRO A 110 5.01 -1.39 18.56
C PRO A 110 4.24 -0.68 19.67
N GLU A 111 3.43 -1.45 20.39
CA GLU A 111 2.68 -0.93 21.52
C GLU A 111 3.61 -0.21 22.48
N LYS A 112 4.72 -0.86 22.82
CA LYS A 112 5.65 -0.30 23.80
C LYS A 112 6.11 1.10 23.45
N VAL A 113 6.30 1.39 22.16
CA VAL A 113 6.68 2.74 21.77
C VAL A 113 5.61 3.77 22.17
N CYS A 114 4.33 3.46 21.92
CA CYS A 114 3.26 4.39 22.28
C CYS A 114 3.11 4.46 23.80
N GLN A 115 3.19 3.30 24.45
CA GLN A 115 3.05 3.28 25.91
C GLN A 115 4.11 4.17 26.51
N GLU A 116 5.31 4.10 25.95
CA GLU A 116 6.44 4.84 26.47
C GLU A 116 6.31 6.35 26.24
N ARG A 117 5.97 6.75 25.03
CA ARG A 117 5.75 8.18 24.74
C ARG A 117 4.59 8.77 25.55
N ASN A 118 3.57 7.95 25.79
CA ASN A 118 2.39 8.37 26.56
C ASN A 118 2.76 8.91 27.95
N LYS A 119 3.60 8.15 28.66
CA LYS A 119 3.97 8.46 30.05
C LYS A 119 4.71 9.79 30.16
N ASN A 120 5.23 10.25 29.03
CA ASN A 120 6.00 11.49 29.00
C ASN A 120 5.29 12.68 28.38
N ARG A 121 4.02 12.52 27.99
CA ARG A 121 3.24 13.61 27.42
C ARG A 121 2.94 14.71 28.41
N THR A 122 2.94 15.95 27.93
CA THR A 122 2.62 17.09 28.78
C THR A 122 1.16 17.50 28.66
N ASP A 123 0.57 17.27 27.49
CA ASP A 123 -0.81 17.73 27.23
C ASP A 123 -1.84 16.89 27.97
N ARG A 124 -1.84 15.59 27.70
CA ARG A 124 -2.76 14.67 28.35
C ARG A 124 -2.19 13.28 28.18
N GLN A 125 -2.70 12.34 28.97
CA GLN A 125 -2.24 10.97 28.91
C GLN A 125 -3.43 10.06 29.05
N VAL A 126 -3.30 8.83 28.57
CA VAL A 126 -4.37 7.85 28.73
C VAL A 126 -3.84 6.65 29.51
N GLU A 127 -4.76 5.83 30.03
CA GLU A 127 -4.38 4.58 30.70
C GLU A 127 -3.80 3.59 29.70
N GLU A 128 -3.04 2.62 30.21
CA GLU A 128 -2.29 1.69 29.35
C GLU A 128 -3.21 0.78 28.57
N TYR A 129 -4.38 0.46 29.13
CA TYR A 129 -5.27 -0.44 28.42
C TYR A 129 -5.78 0.20 27.13
N VAL A 130 -5.84 1.53 27.11
CA VAL A 130 -6.34 2.24 25.96
C VAL A 130 -5.37 2.09 24.79
N ILE A 131 -4.07 2.15 25.06
CA ILE A 131 -3.07 2.06 24.00
C ILE A 131 -2.93 0.60 23.56
N ARG A 132 -3.10 -0.33 24.50
CA ARG A 132 -3.06 -1.76 24.15
C ARG A 132 -4.19 -2.07 23.17
N LYS A 133 -5.37 -1.55 23.49
CA LYS A 133 -6.54 -1.75 22.67
C LYS A 133 -6.35 -1.09 21.31
N HIS A 134 -5.94 0.19 21.34
CA HIS A 134 -5.71 0.92 20.10
C HIS A 134 -4.76 0.16 19.18
N THR A 135 -3.68 -0.36 19.76
CA THR A 135 -2.68 -1.07 18.95
C THR A 135 -3.22 -2.36 18.36
N GLN A 136 -4.07 -3.06 19.11
CA GLN A 136 -4.68 -4.28 18.62
C GLN A 136 -5.62 -3.93 17.47
N GLN A 137 -6.41 -2.87 17.65
CA GLN A 137 -7.36 -2.45 16.62
C GLN A 137 -6.66 -2.03 15.31
N MSE A 138 -5.57 -1.29 15.45
CA MSE A 138 -4.77 -0.84 14.32
C MSE A 138 -4.23 -2.05 13.55
O MSE A 138 -4.36 -2.12 12.33
CB MSE A 138 -3.63 0.04 14.83
CG MSE A 138 -2.67 0.58 13.73
SE MSE A 138 -1.21 -0.64 13.30
CE MSE A 138 -0.37 -0.76 15.04
N LYS A 139 -3.64 -3.00 14.27
CA LYS A 139 -3.02 -4.17 13.63
C LYS A 139 -4.05 -4.97 12.86
N LYS A 140 -5.20 -5.17 13.50
CA LYS A 140 -6.33 -5.84 12.87
C LYS A 140 -6.83 -5.12 11.62
N SER A 141 -6.59 -3.81 11.56
CA SER A 141 -7.13 -2.99 10.48
C SER A 141 -6.31 -3.07 9.19
N ILE A 142 -5.01 -3.30 9.31
CA ILE A 142 -4.10 -3.10 8.20
C ILE A 142 -4.48 -3.87 6.92
N LYS A 143 -4.76 -5.15 7.05
CA LYS A 143 -5.03 -5.99 5.88
C LYS A 143 -6.17 -5.47 5.00
N GLY A 144 -7.25 -5.03 5.63
CA GLY A 144 -8.47 -4.70 4.90
C GLY A 144 -8.58 -3.26 4.43
N LEU A 145 -7.55 -2.46 4.68
CA LEU A 145 -7.64 -1.03 4.32
C LEU A 145 -7.90 -0.75 2.83
N GLN A 146 -7.19 -1.43 1.93
CA GLN A 146 -7.36 -1.18 0.50
C GLN A 146 -8.81 -1.52 0.12
N ARG A 147 -9.26 -2.65 0.62
CA ARG A 147 -10.62 -3.14 0.35
C ARG A 147 -11.67 -2.19 0.91
N GLU A 148 -11.36 -1.52 2.02
CA GLU A 148 -12.28 -0.54 2.61
C GLU A 148 -12.53 0.65 1.69
N GLY A 149 -11.57 0.91 0.81
CA GLY A 149 -11.73 1.99 -0.14
C GLY A 149 -10.58 2.96 -0.19
N PHE A 150 -9.55 2.73 0.63
CA PHE A 150 -8.37 3.59 0.58
C PHE A 150 -7.64 3.31 -0.74
N ARG A 151 -7.49 4.34 -1.56
CA ARG A 151 -6.83 4.22 -2.87
C ARG A 151 -5.33 3.98 -2.76
N TYR A 152 -4.71 4.58 -1.75
CA TYR A 152 -3.29 4.38 -1.46
C TYR A 152 -3.20 4.06 0.02
N VAL A 153 -2.40 3.05 0.33
CA VAL A 153 -2.25 2.58 1.71
C VAL A 153 -0.77 2.56 2.04
N TYR A 154 -0.39 3.46 2.93
CA TYR A 154 0.99 3.59 3.37
C TYR A 154 1.15 3.13 4.82
N ILE A 155 1.90 2.04 4.99
CA ILE A 155 2.15 1.47 6.31
C ILE A 155 3.56 1.82 6.75
N LEU A 156 3.67 2.49 7.88
CA LEU A 156 4.96 2.88 8.44
C LEU A 156 5.30 1.97 9.60
N ASN A 157 6.42 1.26 9.53
CA ASN A 157 6.59 0.13 10.43
C ASN A 157 7.53 0.36 11.62
N SER A 158 8.08 1.57 11.71
CA SER A 158 9.04 1.89 12.78
C SER A 158 9.19 3.40 12.82
N PRO A 159 9.66 3.95 13.98
CA PRO A 159 9.90 5.39 14.10
C PRO A 159 10.83 5.93 13.02
N GLU A 160 11.82 5.14 12.64
CA GLU A 160 12.75 5.52 11.60
C GLU A 160 12.03 5.75 10.27
N GLU A 161 11.15 4.81 9.90
CA GLU A 161 10.36 5.01 8.68
C GLU A 161 9.47 6.23 8.77
N VAL A 162 8.88 6.46 9.94
CA VAL A 162 8.03 7.65 10.12
C VAL A 162 8.82 8.92 9.87
N GLU A 163 9.98 9.01 10.55
CA GLU A 163 10.92 10.10 10.38
C GLU A 163 11.30 10.36 8.93
N GLU A 164 11.56 9.28 8.20
CA GLU A 164 12.03 9.34 6.82
C GLU A 164 10.99 9.82 5.84
N VAL A 165 9.73 9.85 6.26
CA VAL A 165 8.62 10.16 5.35
C VAL A 165 8.80 11.49 4.66
N VAL A 166 8.61 11.52 3.35
CA VAL A 166 8.41 12.78 2.65
C VAL A 166 7.20 12.61 1.73
N PHE A 167 6.31 13.60 1.74
CA PHE A 167 5.10 13.51 0.93
C PHE A 167 5.37 14.12 -0.41
N GLU A 168 4.89 13.49 -1.48
CA GLU A 168 4.94 14.11 -2.79
C GLU A 168 3.53 14.31 -3.32
N ARG A 169 3.11 15.57 -3.47
CA ARG A 169 1.74 15.86 -3.91
C ARG A 169 1.70 15.93 -5.43
N GLN A 170 0.70 15.28 -6.02
CA GLN A 170 0.58 15.23 -7.47
C GLN A 170 -0.74 15.81 -7.97
N PRO A 171 -0.64 16.83 -8.83
CA PRO A 171 -1.77 17.55 -9.43
C PRO A 171 -1.99 17.12 -10.87
N SER B 1 -15.47 -3.05 -7.62
CA SER B 1 -14.15 -3.06 -8.24
C SER B 1 -13.06 -2.57 -7.27
N MSE B 2 -11.85 -3.06 -7.50
CA MSE B 2 -10.65 -2.65 -6.74
C MSE B 2 -9.80 -1.82 -7.69
O MSE B 2 -9.10 -2.37 -8.57
CB MSE B 2 -9.87 -3.91 -6.32
CG MSE B 2 -10.54 -4.76 -5.25
SE MSE B 2 -9.79 -4.36 -3.50
CE MSE B 2 -7.97 -4.28 -4.05
N LYS B 3 -9.84 -0.50 -7.53
CA LYS B 3 -9.13 0.40 -8.44
C LYS B 3 -7.70 0.60 -7.99
N LEU B 4 -6.75 0.25 -8.84
CA LEU B 4 -5.34 0.39 -8.52
C LEU B 4 -4.75 1.41 -9.43
N THR B 5 -4.27 2.50 -8.85
CA THR B 5 -3.74 3.62 -9.59
C THR B 5 -2.28 3.42 -9.94
N ILE B 6 -1.95 3.53 -11.23
CA ILE B 6 -0.56 3.47 -11.68
C ILE B 6 -0.20 4.64 -12.61
N PRO B 7 1.01 5.18 -12.45
CA PRO B 7 1.43 6.25 -13.38
C PRO B 7 1.59 5.70 -14.79
N GLU B 8 1.44 6.58 -15.78
CA GLU B 8 1.53 6.20 -17.19
C GLU B 8 2.87 5.53 -17.45
N LEU B 9 3.90 6.04 -16.80
CA LEU B 9 5.23 5.43 -16.86
C LEU B 9 5.54 4.72 -15.54
N SER B 10 5.31 3.41 -15.51
CA SER B 10 5.42 2.60 -14.29
C SER B 10 6.26 1.37 -14.62
N LEU B 11 6.94 0.81 -13.64
CA LEU B 11 7.39 -0.58 -13.75
C LEU B 11 6.51 -1.38 -12.81
N VAL B 12 5.62 -2.18 -13.38
CA VAL B 12 4.71 -2.97 -12.57
C VAL B 12 5.31 -4.35 -12.27
N VAL B 13 5.64 -4.60 -11.02
CA VAL B 13 6.26 -5.87 -10.68
C VAL B 13 5.23 -6.83 -10.10
N LEU B 14 4.95 -7.92 -10.82
CA LEU B 14 3.99 -8.90 -10.32
C LEU B 14 4.75 -9.76 -9.34
N ILE B 15 4.14 -10.02 -8.18
CA ILE B 15 4.78 -10.79 -7.11
C ILE B 15 3.87 -11.92 -6.72
N GLY B 16 4.32 -13.15 -6.93
CA GLY B 16 3.46 -14.28 -6.60
C GLY B 16 4.05 -15.62 -6.97
N SER B 17 3.62 -16.63 -6.24
CA SER B 17 3.97 -18.01 -6.50
C SER B 17 3.65 -18.46 -7.92
N SER B 18 4.39 -19.44 -8.40
CA SER B 18 3.93 -20.19 -9.56
C SER B 18 2.50 -20.61 -9.29
N GLY B 19 1.65 -20.58 -10.33
CA GLY B 19 0.25 -20.92 -10.15
C GLY B 19 -0.65 -19.83 -9.56
N SER B 20 -0.09 -18.68 -9.18
CA SER B 20 -0.91 -17.64 -8.55
C SER B 20 -1.70 -16.82 -9.56
N GLY B 21 -1.40 -17.01 -10.84
CA GLY B 21 -2.14 -16.39 -11.91
C GLY B 21 -1.55 -15.12 -12.48
N LYS B 22 -0.24 -14.95 -12.33
CA LYS B 22 0.41 -13.72 -12.76
C LYS B 22 0.27 -13.50 -14.27
N SER B 23 0.59 -14.53 -15.05
CA SER B 23 0.58 -14.39 -16.50
C SER B 23 -0.83 -14.18 -17.03
N THR B 24 -1.77 -14.91 -16.45
CA THR B 24 -3.18 -14.72 -16.77
C THR B 24 -3.63 -13.30 -16.50
N PHE B 25 -3.31 -12.81 -15.31
CA PHE B 25 -3.57 -11.44 -14.92
C PHE B 25 -2.91 -10.45 -15.88
N ALA B 26 -1.63 -10.67 -16.20
CA ALA B 26 -0.90 -9.78 -17.10
C ALA B 26 -1.57 -9.69 -18.46
N LYS B 27 -2.05 -10.83 -18.95
CA LYS B 27 -2.73 -10.91 -20.24
C LYS B 27 -4.07 -10.17 -20.21
N LYS B 28 -4.80 -10.25 -19.09
CA LYS B 28 -6.10 -9.59 -18.99
C LYS B 28 -5.96 -8.06 -18.97
N HIS B 29 -4.90 -7.58 -18.33
CA HIS B 29 -4.81 -6.18 -17.97
C HIS B 29 -3.88 -5.36 -18.83
N PHE B 30 -2.93 -6.02 -19.47
CA PHE B 30 -1.89 -5.28 -20.18
C PHE B 30 -1.70 -5.73 -21.62
N LYS B 31 -1.03 -4.90 -22.42
CA LYS B 31 -0.68 -5.26 -23.79
C LYS B 31 0.46 -6.28 -23.81
N PRO B 32 0.44 -7.20 -24.79
CA PRO B 32 1.45 -8.25 -24.85
C PRO B 32 2.88 -7.69 -24.85
N THR B 33 3.07 -6.56 -25.50
CA THR B 33 4.42 -6.02 -25.60
C THR B 33 4.87 -5.39 -24.31
N GLU B 34 3.90 -5.02 -23.47
CA GLU B 34 4.16 -4.42 -22.16
C GLU B 34 4.71 -5.42 -21.16
N VAL B 35 4.48 -6.69 -21.43
CA VAL B 35 4.75 -7.75 -20.47
C VAL B 35 6.03 -8.50 -20.85
N ILE B 36 7.02 -8.50 -19.95
CA ILE B 36 8.24 -9.30 -20.16
C ILE B 36 8.30 -10.38 -19.08
N SER B 37 8.32 -11.64 -19.50
CA SER B 37 8.29 -12.73 -18.55
C SER B 37 9.63 -13.43 -18.45
N SER B 38 9.90 -14.00 -17.28
CA SER B 38 11.13 -14.77 -17.12
C SER B 38 11.09 -16.01 -18.04
N ASP B 39 9.92 -16.59 -18.26
CA ASP B 39 9.82 -17.75 -19.16
C ASP B 39 10.26 -17.36 -20.56
N PHE B 40 9.79 -16.21 -21.02
CA PHE B 40 10.20 -15.74 -22.34
C PHE B 40 11.72 -15.60 -22.39
N CYS B 41 12.29 -14.95 -21.39
CA CYS B 41 13.73 -14.69 -21.43
C CYS B 41 14.56 -15.98 -21.35
N ARG B 42 14.11 -16.95 -20.55
CA ARG B 42 14.72 -18.29 -20.59
C ARG B 42 14.67 -18.92 -21.96
N GLY B 43 13.53 -18.77 -22.63
CA GLY B 43 13.33 -19.32 -23.97
C GLY B 43 14.32 -18.76 -24.98
N LEU B 44 14.78 -17.54 -24.74
CA LEU B 44 15.74 -16.90 -25.63
C LEU B 44 17.11 -17.55 -25.46
N MSE B 45 17.32 -18.15 -24.31
CA MSE B 45 18.59 -18.82 -24.02
C MSE B 45 18.57 -20.32 -24.30
O MSE B 45 19.60 -20.93 -24.53
CB MSE B 45 18.99 -18.60 -22.55
CG MSE B 45 19.08 -17.16 -22.13
SE MSE B 45 20.60 -16.28 -22.96
CE MSE B 45 19.74 -15.15 -24.26
N SER B 46 17.39 -20.94 -24.27
CA SER B 46 17.33 -22.38 -24.45
C SER B 46 15.93 -22.83 -24.83
N ASP B 47 15.83 -23.76 -25.77
CA ASP B 47 14.55 -24.37 -26.10
C ASP B 47 14.21 -25.44 -25.05
N ASP B 48 15.25 -25.91 -24.36
CA ASP B 48 15.09 -26.92 -23.30
C ASP B 48 14.41 -26.31 -22.09
N GLU B 49 13.19 -26.74 -21.83
CA GLU B 49 12.35 -26.16 -20.78
C GLU B 49 12.89 -26.38 -19.37
N ASN B 50 13.74 -27.39 -19.20
CA ASN B 50 14.23 -27.75 -17.87
C ASN B 50 15.71 -27.44 -17.63
N ASP B 51 16.16 -26.29 -18.11
CA ASP B 51 17.56 -25.90 -17.98
C ASP B 51 17.78 -24.87 -16.86
N GLN B 52 18.68 -25.18 -15.94
CA GLN B 52 18.92 -24.36 -14.76
C GLN B 52 20.22 -23.57 -14.84
N THR B 53 21.05 -23.90 -15.83
CA THR B 53 22.30 -23.18 -16.06
C THR B 53 22.00 -21.81 -16.68
N VAL B 54 20.84 -21.74 -17.32
CA VAL B 54 20.39 -20.59 -18.10
C VAL B 54 19.82 -19.46 -17.21
N THR B 55 19.46 -19.78 -15.97
CA THR B 55 18.70 -18.84 -15.14
C THR B 55 19.35 -17.47 -14.95
N GLY B 56 20.65 -17.47 -14.63
CA GLY B 56 21.37 -16.23 -14.43
C GLY B 56 21.39 -15.35 -15.66
N ALA B 57 21.69 -15.95 -16.79
CA ALA B 57 21.77 -15.19 -18.01
C ALA B 57 20.39 -14.65 -18.40
N ALA B 58 19.34 -15.45 -18.18
CA ALA B 58 17.99 -15.05 -18.53
C ALA B 58 17.49 -13.89 -17.66
N PHE B 59 17.91 -13.85 -16.41
CA PHE B 59 17.57 -12.73 -15.56
C PHE B 59 18.33 -11.48 -16.01
N ASP B 60 19.58 -11.67 -16.45
CA ASP B 60 20.35 -10.54 -16.99
C ASP B 60 19.63 -9.96 -18.20
N VAL B 61 19.17 -10.85 -19.08
CA VAL B 61 18.47 -10.44 -20.30
C VAL B 61 17.12 -9.74 -19.97
N LEU B 62 16.39 -10.27 -19.00
CA LEU B 62 15.16 -9.63 -18.57
C LEU B 62 15.41 -8.21 -18.02
N HIS B 63 16.40 -8.04 -17.16
CA HIS B 63 16.72 -6.73 -16.60
C HIS B 63 17.06 -5.74 -17.68
N TYR B 64 17.80 -6.21 -18.68
CA TYR B 64 18.23 -5.32 -19.73
C TYR B 64 17.08 -4.94 -20.63
N ILE B 65 16.24 -5.90 -21.00
CA ILE B 65 15.06 -5.58 -21.80
C ILE B 65 14.17 -4.59 -21.04
N VAL B 66 13.94 -4.85 -19.76
CA VAL B 66 13.18 -3.90 -18.95
C VAL B 66 13.82 -2.52 -18.94
N SER B 67 15.14 -2.48 -18.75
CA SER B 67 15.86 -1.20 -18.71
C SER B 67 15.64 -0.41 -19.98
N LYS B 68 15.77 -1.06 -21.12
CA LYS B 68 15.72 -0.34 -22.38
C LYS B 68 14.29 0.16 -22.63
N ARG B 69 13.29 -0.67 -22.31
CA ARG B 69 11.88 -0.22 -22.37
C ARG B 69 11.59 1.01 -21.52
N LEU B 70 12.02 0.99 -20.27
CA LEU B 70 11.75 2.11 -19.36
C LEU B 70 12.50 3.34 -19.82
N GLN B 71 13.74 3.15 -20.29
CA GLN B 71 14.51 4.25 -20.88
C GLN B 71 13.73 4.91 -22.03
N LEU B 72 12.97 4.11 -22.78
CA LEU B 72 12.16 4.65 -23.88
C LEU B 72 10.81 5.17 -23.38
N GLY B 73 10.65 5.18 -22.06
CA GLY B 73 9.44 5.69 -21.45
C GLY B 73 8.25 4.77 -21.66
N LYS B 74 8.49 3.47 -21.72
CA LYS B 74 7.40 2.54 -21.99
C LYS B 74 7.04 1.72 -20.76
N LEU B 75 5.77 1.76 -20.38
CA LEU B 75 5.30 1.04 -19.21
C LEU B 75 5.64 -0.42 -19.41
N THR B 76 6.14 -1.06 -18.37
CA THR B 76 6.58 -2.44 -18.49
C THR B 76 6.09 -3.20 -17.27
N VAL B 77 5.65 -4.42 -17.51
CA VAL B 77 5.24 -5.31 -16.43
C VAL B 77 6.20 -6.47 -16.38
N VAL B 78 6.72 -6.74 -15.19
CA VAL B 78 7.58 -7.89 -14.99
C VAL B 78 6.78 -9.10 -14.53
N ASP B 79 6.62 -10.07 -15.43
CA ASP B 79 5.87 -11.27 -15.13
C ASP B 79 6.88 -12.34 -14.75
N ALA B 80 7.26 -12.33 -13.47
CA ALA B 80 8.12 -13.36 -12.88
C ALA B 80 7.64 -13.53 -11.46
N THR B 81 8.14 -14.55 -10.77
CA THR B 81 7.66 -14.80 -9.42
C THR B 81 7.98 -13.64 -8.47
N ASN B 82 9.21 -13.14 -8.53
CA ASN B 82 9.63 -11.96 -7.75
C ASN B 82 9.38 -12.07 -6.24
N VAL B 83 9.41 -13.28 -5.71
CA VAL B 83 9.15 -13.49 -4.29
C VAL B 83 10.40 -13.36 -3.42
N GLN B 84 11.55 -13.22 -4.07
CA GLN B 84 12.82 -13.02 -3.36
C GLN B 84 13.27 -11.58 -3.46
N GLU B 85 13.74 -11.01 -2.35
CA GLU B 85 14.24 -9.65 -2.34
C GLU B 85 15.36 -9.43 -3.34
N SER B 86 16.23 -10.42 -3.51
CA SER B 86 17.33 -10.31 -4.46
C SER B 86 16.84 -10.17 -5.91
N ALA B 87 15.62 -10.62 -6.17
CA ALA B 87 15.03 -10.50 -7.52
C ALA B 87 14.38 -9.16 -7.71
N ARG B 88 13.77 -8.63 -6.65
CA ARG B 88 13.16 -7.28 -6.75
C ARG B 88 14.15 -6.15 -6.71
N LYS B 89 15.22 -6.31 -5.95
CA LYS B 89 16.24 -5.25 -5.82
C LYS B 89 16.74 -4.65 -7.15
N PRO B 90 17.14 -5.50 -8.11
CA PRO B 90 17.58 -4.83 -9.35
C PRO B 90 16.44 -4.14 -10.12
N LEU B 91 15.22 -4.65 -9.98
CA LEU B 91 14.07 -4.03 -10.66
C LEU B 91 13.83 -2.64 -10.11
N ILE B 92 13.89 -2.50 -8.80
CA ILE B 92 13.67 -1.20 -8.17
C ILE B 92 14.73 -0.21 -8.61
N GLU B 93 15.98 -0.67 -8.65
CA GLU B 93 17.06 0.20 -9.03
C GLU B 93 16.87 0.65 -10.48
N ILE B 94 16.34 -0.25 -11.30
CA ILE B 94 16.19 0.06 -12.71
C ILE B 94 15.12 1.14 -12.83
N ALA B 95 14.01 0.96 -12.13
CA ALA B 95 12.94 1.94 -12.11
C ALA B 95 13.49 3.30 -11.68
N LYS B 96 14.22 3.31 -10.57
CA LYS B 96 14.82 4.54 -10.08
C LYS B 96 15.74 5.18 -11.13
N ASP B 97 16.52 4.36 -11.84
CA ASP B 97 17.49 4.90 -12.80
C ASP B 97 16.82 5.66 -13.95
N TYR B 98 15.65 5.20 -14.36
CA TYR B 98 14.94 5.83 -15.47
C TYR B 98 13.75 6.64 -14.96
N HIS B 99 13.88 7.10 -13.71
CA HIS B 99 12.88 7.94 -13.06
C HIS B 99 11.45 7.45 -13.26
N CYS B 100 11.30 6.15 -13.00
CA CYS B 100 10.02 5.44 -13.15
CA CYS B 100 10.06 5.42 -13.17
C CYS B 100 9.55 4.99 -11.78
N PHE B 101 8.24 4.95 -11.57
CA PHE B 101 7.69 4.45 -10.31
C PHE B 101 7.64 2.94 -10.34
N PRO B 102 8.33 2.27 -9.41
CA PRO B 102 8.13 0.83 -9.26
C PRO B 102 6.85 0.57 -8.45
N VAL B 103 5.98 -0.29 -9.00
CA VAL B 103 4.71 -0.63 -8.35
C VAL B 103 4.69 -2.11 -8.06
N ALA B 104 4.27 -2.49 -6.85
CA ALA B 104 4.15 -3.90 -6.50
C ALA B 104 2.72 -4.34 -6.52
N VAL B 105 2.46 -5.41 -7.27
CA VAL B 105 1.15 -6.06 -7.26
C VAL B 105 1.33 -7.47 -6.76
N VAL B 106 0.80 -7.72 -5.56
CA VAL B 106 1.11 -8.95 -4.85
C VAL B 106 -0.11 -9.88 -4.84
N PHE B 107 0.12 -11.11 -5.28
CA PHE B 107 -0.91 -12.12 -5.32
C PHE B 107 -0.88 -12.91 -4.00
N ASN B 108 -1.50 -12.33 -2.98
CA ASN B 108 -1.46 -12.90 -1.64
C ASN B 108 -2.55 -13.95 -1.51
N LEU B 109 -2.35 -15.04 -2.23
CA LEU B 109 -3.34 -16.11 -2.30
C LEU B 109 -2.85 -17.29 -1.46
N PRO B 110 -3.77 -18.09 -0.95
CA PRO B 110 -3.39 -19.27 -0.15
C PRO B 110 -2.57 -20.24 -0.99
N GLU B 111 -1.63 -20.94 -0.36
CA GLU B 111 -0.83 -21.93 -1.08
C GLU B 111 -1.70 -22.94 -1.82
N LYS B 112 -2.82 -23.31 -1.21
CA LYS B 112 -3.70 -24.34 -1.78
C LYS B 112 -4.35 -23.91 -3.08
N VAL B 113 -4.68 -22.63 -3.20
CA VAL B 113 -5.22 -22.15 -4.46
C VAL B 113 -4.18 -22.32 -5.56
N CYS B 114 -2.93 -21.96 -5.27
CA CYS B 114 -1.85 -22.08 -6.26
C CYS B 114 -1.54 -23.55 -6.60
N GLN B 115 -1.47 -24.37 -5.56
CA GLN B 115 -1.20 -25.79 -5.77
C GLN B 115 -2.25 -26.44 -6.66
N GLU B 116 -3.50 -26.06 -6.47
CA GLU B 116 -4.61 -26.66 -7.24
C GLU B 116 -4.61 -26.24 -8.73
N ARG B 117 -4.37 -24.96 -9.00
CA ARG B 117 -4.25 -24.48 -10.36
C ARG B 117 -3.07 -25.17 -11.07
N ASN B 118 -1.97 -25.31 -10.35
CA ASN B 118 -0.78 -25.96 -10.87
C ASN B 118 -1.06 -27.41 -11.29
N LYS B 119 -1.82 -28.14 -10.46
CA LYS B 119 -2.26 -29.50 -10.79
CA LYS B 119 -2.21 -29.49 -10.82
C LYS B 119 -3.08 -29.52 -12.07
N ASN B 120 -3.84 -28.45 -12.29
CA ASN B 120 -4.78 -28.41 -13.40
C ASN B 120 -4.22 -27.79 -14.67
N ARG B 121 -3.00 -27.29 -14.61
CA ARG B 121 -2.35 -26.65 -15.75
C ARG B 121 -2.04 -27.69 -16.83
N THR B 122 -2.33 -27.35 -18.08
CA THR B 122 -2.03 -28.22 -19.21
C THR B 122 -0.86 -27.71 -20.06
N ASP B 123 -0.33 -26.53 -19.73
CA ASP B 123 0.76 -25.94 -20.52
C ASP B 123 2.13 -26.36 -20.01
N ARG B 124 2.31 -26.28 -18.68
CA ARG B 124 3.53 -26.72 -18.00
C ARG B 124 3.29 -26.62 -16.50
N GLN B 125 3.94 -27.48 -15.72
CA GLN B 125 3.68 -27.53 -14.28
C GLN B 125 4.98 -27.50 -13.52
N VAL B 126 4.91 -27.18 -12.23
CA VAL B 126 6.08 -27.23 -11.38
C VAL B 126 5.81 -28.23 -10.25
N GLU B 127 6.84 -28.60 -9.52
CA GLU B 127 6.67 -29.50 -8.40
C GLU B 127 6.07 -28.76 -7.23
N GLU B 128 5.30 -29.49 -6.42
CA GLU B 128 4.61 -28.91 -5.28
C GLU B 128 5.52 -28.14 -4.36
N TYR B 129 6.75 -28.63 -4.15
CA TYR B 129 7.67 -27.96 -3.23
C TYR B 129 8.01 -26.55 -3.68
N VAL B 130 8.02 -26.31 -4.99
CA VAL B 130 8.34 -24.99 -5.52
C VAL B 130 7.30 -23.96 -5.08
N ILE B 131 6.04 -24.36 -5.10
CA ILE B 131 4.93 -23.48 -4.75
C ILE B 131 4.87 -23.25 -3.22
N ARG B 132 5.19 -24.28 -2.46
CA ARG B 132 5.30 -24.11 -1.00
C ARG B 132 6.35 -23.07 -0.67
N LYS B 133 7.49 -23.17 -1.34
CA LYS B 133 8.57 -22.22 -1.07
C LYS B 133 8.22 -20.82 -1.54
N HIS B 134 7.67 -20.70 -2.75
CA HIS B 134 7.26 -19.38 -3.26
C HIS B 134 6.27 -18.68 -2.30
N THR B 135 5.29 -19.43 -1.82
CA THR B 135 4.22 -18.83 -1.01
C THR B 135 4.77 -18.28 0.32
N GLN B 136 5.64 -19.04 0.97
CA GLN B 136 6.28 -18.56 2.17
C GLN B 136 7.13 -17.33 1.90
N GLN B 137 7.85 -17.33 0.78
CA GLN B 137 8.67 -16.18 0.42
C GLN B 137 7.81 -14.96 0.09
N MSE B 138 6.74 -15.16 -0.66
CA MSE B 138 5.80 -14.08 -0.95
C MSE B 138 5.28 -13.48 0.37
O MSE B 138 5.28 -12.26 0.58
CB MSE B 138 4.64 -14.57 -1.82
CG MSE B 138 3.52 -13.52 -2.13
SE MSE B 138 2.20 -13.36 -0.69
CE MSE B 138 1.23 -15.01 -0.97
N LYS B 139 4.85 -14.34 1.28
CA LYS B 139 4.29 -13.85 2.55
C LYS B 139 5.31 -13.08 3.37
N LYS B 140 6.55 -13.56 3.44
CA LYS B 140 7.61 -12.85 4.17
C LYS B 140 7.95 -11.53 3.52
N SER B 141 7.64 -11.40 2.24
CA SER B 141 8.00 -10.20 1.51
C SER B 141 7.04 -9.02 1.73
N ILE B 142 5.78 -9.31 2.03
CA ILE B 142 4.77 -8.25 2.00
C ILE B 142 5.14 -7.02 2.84
N LYS B 143 5.43 -7.23 4.11
CA LYS B 143 5.68 -6.13 5.03
C LYS B 143 6.73 -5.12 4.53
N GLY B 144 7.81 -5.63 3.92
CA GLY B 144 8.93 -4.78 3.59
C GLY B 144 8.90 -4.10 2.24
N LEU B 145 7.84 -4.30 1.47
CA LEU B 145 7.84 -3.85 0.08
C LEU B 145 7.97 -2.35 -0.05
N GLN B 146 7.18 -1.61 0.73
CA GLN B 146 7.30 -0.16 0.68
C GLN B 146 8.72 0.27 0.99
N ARG B 147 9.30 -0.29 2.05
CA ARG B 147 10.66 0.06 2.43
C ARG B 147 11.69 -0.29 1.32
N GLU B 148 11.42 -1.38 0.60
CA GLU B 148 12.32 -1.78 -0.51
C GLU B 148 12.42 -0.70 -1.58
N GLY B 149 11.39 0.12 -1.72
CA GLY B 149 11.42 1.16 -2.73
C GLY B 149 10.19 1.23 -3.62
N PHE B 150 9.26 0.31 -3.44
CA PHE B 150 8.01 0.36 -4.20
C PHE B 150 7.19 1.57 -3.75
N ARG B 151 6.79 2.39 -4.72
CA ARG B 151 6.08 3.63 -4.43
C ARG B 151 4.62 3.38 -4.12
N TYR B 152 4.03 2.40 -4.79
CA TYR B 152 2.67 1.92 -4.48
C TYR B 152 2.74 0.43 -4.30
N VAL B 153 2.14 -0.05 -3.21
CA VAL B 153 2.11 -1.45 -2.92
C VAL B 153 0.65 -1.90 -2.84
N TYR B 154 0.27 -2.79 -3.75
CA TYR B 154 -1.11 -3.27 -3.86
C TYR B 154 -1.12 -4.75 -3.55
N ILE B 155 -1.80 -5.11 -2.47
CA ILE B 155 -1.85 -6.50 -2.03
C ILE B 155 -3.22 -7.06 -2.37
N LEU B 156 -3.24 -8.11 -3.15
CA LEU B 156 -4.52 -8.73 -3.50
C LEU B 156 -4.71 -9.96 -2.64
N ASN B 157 -5.75 -9.94 -1.80
CA ASN B 157 -5.86 -10.94 -0.73
C ASN B 157 -6.75 -12.15 -1.02
N SER B 158 -7.35 -12.18 -2.21
CA SER B 158 -8.21 -13.30 -2.58
C SER B 158 -8.45 -13.30 -4.07
N PRO B 159 -8.89 -14.44 -4.63
CA PRO B 159 -9.28 -14.51 -6.06
C PRO B 159 -10.31 -13.44 -6.45
N GLU B 160 -11.25 -13.19 -5.55
CA GLU B 160 -12.29 -12.19 -5.80
C GLU B 160 -11.68 -10.80 -5.97
N GLU B 161 -10.77 -10.44 -5.06
CA GLU B 161 -10.06 -9.16 -5.18
C GLU B 161 -9.24 -9.07 -6.48
N VAL B 162 -8.54 -10.14 -6.82
CA VAL B 162 -7.77 -10.19 -8.07
C VAL B 162 -8.71 -9.93 -9.23
N GLU B 163 -9.81 -10.67 -9.25
CA GLU B 163 -10.81 -10.57 -10.31
C GLU B 163 -11.38 -9.16 -10.40
N GLU B 164 -11.49 -8.48 -9.26
CA GLU B 164 -12.10 -7.14 -9.22
C GLU B 164 -11.18 -6.00 -9.65
N VAL B 165 -9.90 -6.29 -9.87
CA VAL B 165 -8.94 -5.23 -10.17
C VAL B 165 -9.27 -4.44 -11.43
N VAL B 166 -9.20 -3.13 -11.33
CA VAL B 166 -9.18 -2.29 -12.52
C VAL B 166 -8.00 -1.36 -12.38
N PHE B 167 -7.13 -1.31 -13.38
CA PHE B 167 -6.02 -0.37 -13.30
C PHE B 167 -6.52 0.98 -13.77
N GLU B 168 -6.05 2.03 -13.10
CA GLU B 168 -6.27 3.42 -13.52
C GLU B 168 -4.93 4.09 -13.79
N ARG B 169 -4.65 4.36 -15.06
CA ARG B 169 -3.40 5.02 -15.44
C ARG B 169 -3.68 6.51 -15.54
N GLN B 170 -3.53 7.21 -14.42
CA GLN B 170 -3.75 8.65 -14.38
C GLN B 170 -2.42 9.40 -14.32
N PRO B 171 -1.65 9.22 -13.22
CA PRO B 171 -0.41 10.02 -13.16
C PRO B 171 0.62 9.56 -14.18
MG MG C . -3.06 13.79 18.71
PG DTP D . -3.48 11.10 20.41
O1G DTP D . -3.64 10.76 21.85
O2G DTP D . -4.18 10.10 19.51
O3G DTP D . -3.72 12.54 20.00
PB DTP D . -1.03 11.21 18.89
O1B DTP D . -0.94 9.98 18.01
O2B DTP D . -1.48 12.54 18.37
O3B DTP D . -1.89 10.80 20.20
PA DTP D . 1.26 12.78 19.59
O1A DTP D . 1.68 13.34 18.26
O2A DTP D . 0.47 13.66 20.52
O3A DTP D . 0.48 11.37 19.47
O5' DTP D . 2.59 12.29 20.36
C5' DTP D . 2.52 11.71 21.66
C4' DTP D . 3.84 12.00 22.41
O4' DTP D . 4.95 11.38 21.74
C3' DTP D . 4.14 13.47 22.47
O3' DTP D . 4.68 13.73 23.77
C2' DTP D . 5.21 13.72 21.42
C1' DTP D . 5.90 12.36 21.34
N9 DTP D . 6.38 12.02 19.98
C8 DTP D . 5.65 12.06 18.84
N7 DTP D . 6.39 11.67 17.78
C5 DTP D . 7.61 11.37 18.22
C6 DTP D . 8.89 10.90 17.61
N6 DTP D . 8.99 10.66 16.29
N1 DTP D . 9.95 10.72 18.43
C2 DTP D . 9.87 10.94 19.76
N3 DTP D . 8.75 11.37 20.38
C4 DTP D . 7.62 11.61 19.67
MG MG E . 3.39 -17.33 -15.67
PG DTP F . 4.18 -19.26 -13.28
O1G DTP F . 4.47 -20.74 -13.07
O2G DTP F . 4.85 -18.38 -12.26
O3G DTP F . 4.31 -18.77 -14.70
PB DTP F . 1.58 -17.90 -13.15
O1B DTP F . 1.93 -17.09 -14.37
O2B DTP F . 1.48 -17.23 -11.81
O3B DTP F . 2.56 -19.19 -13.01
PA DTP F . -0.71 -18.72 -14.71
O1A DTP F . -1.30 -17.36 -15.00
O2A DTP F . 0.13 -19.48 -15.71
O3A DTP F . 0.15 -18.63 -13.36
O5' DTP F . -1.92 -19.63 -14.18
C5' DTP F . -1.71 -20.99 -13.88
C4' DTP F . -3.00 -21.77 -14.13
O4' DTP F . -3.99 -21.31 -13.23
C3' DTP F . -3.54 -21.58 -15.54
O3' DTP F . -3.78 -22.87 -16.09
C2' DTP F . -4.87 -20.90 -15.40
C1' DTP F . -5.20 -20.99 -13.91
N9 DTP F . -5.66 -19.66 -13.43
C8 DTP F . -4.96 -18.52 -13.47
N7 DTP F . -5.68 -17.49 -12.93
C5 DTP F . -6.87 -17.99 -12.56
C6 DTP F . -8.10 -17.46 -11.94
N6 DTP F . -8.19 -16.16 -11.60
N1 DTP F . -9.11 -18.33 -11.72
C2 DTP F . -9.01 -19.63 -12.04
N3 DTP F . -7.93 -20.17 -12.61
C4 DTP F . -6.85 -19.43 -12.90
NA NA G . -6.93 -12.25 -13.67
#